data_9ONG
#
_entry.id   9ONG
#
_cell.length_a   166.581
_cell.length_b   55.040
_cell.length_c   120.581
_cell.angle_alpha   90.00
_cell.angle_beta   130.23
_cell.angle_gamma   90.00
#
_symmetry.space_group_name_H-M   'C 1 2 1'
#
loop_
_entity.id
_entity.type
_entity.pdbx_description
1 polymer "Bis(5'-nucleosyl)-tetraphosphatase [symmetrical]"
2 polymer 'RNA Ap4AG'
3 non-polymer 'MANGANESE (II) ION'
4 non-polymer 'MAGNESIUM ION'
5 non-polymer '4-(2-HYDROXYETHYL)-1-PIPERAZINE ETHANESULFONIC ACID'
6 water water
#
loop_
_entity_poly.entity_id
_entity_poly.type
_entity_poly.pdbx_seq_one_letter_code
_entity_poly.pdbx_strand_id
1 'polypeptide(L)'
;MATYLIGDVHGCYDELIALLHKVEFTPGKDTLWLTGDLVARGPGSLDVLRYVKSLGDSVRLVLGNHDLHLLAVFAGISRN
KPKDRLTPLLEAPDADELLNWLRRQPLLQIDEEKKLVMAHAGITPQWDLQTAKECARDVEAVLSSDSYPFFLDAMYGDMP
NNWSPELRGLGRLRFITNAFTRMRFCFPNGQLDMYSKESPEEAPAPLKPWFAIPGPVAEEYSIAFGHWASLEGKGTPEGI
YALDTGCCWGGTLTCLRWEDKQYFVQPSNRHKDLGEAAASHHHHHH
;
A,B
2 'polyribonucleotide' (B4P)G C,D
#
# COMPACT_ATOMS: atom_id res chain seq x y z
N ALA A 2 2.08 28.70 24.90
CA ALA A 2 2.28 27.26 24.90
C ALA A 2 2.75 26.77 23.51
N THR A 3 3.46 25.63 23.51
CA THR A 3 3.91 24.93 22.31
C THR A 3 3.11 23.64 22.13
N TYR A 4 2.49 23.51 20.94
CA TYR A 4 1.67 22.36 20.57
C TYR A 4 2.31 21.66 19.37
N LEU A 5 2.30 20.33 19.39
CA LEU A 5 2.87 19.53 18.31
C LEU A 5 1.79 18.57 17.85
N ILE A 6 1.47 18.60 16.55
CA ILE A 6 0.43 17.75 15.98
C ILE A 6 1.05 16.92 14.85
N GLY A 7 0.62 15.67 14.73
CA GLY A 7 1.16 14.76 13.74
C GLY A 7 0.47 14.98 12.41
N ASP A 8 0.53 13.94 11.56
CA ASP A 8 0.10 14.00 10.16
C ASP A 8 -1.37 14.39 10.05
N VAL A 9 -1.61 15.57 9.51
CA VAL A 9 -2.98 16.05 9.35
C VAL A 9 -3.67 15.41 8.13
N HIS A 10 -2.92 15.11 7.07
CA HIS A 10 -3.44 14.51 5.83
C HIS A 10 -4.79 15.09 5.44
N GLY A 11 -4.84 16.40 5.32
CA GLY A 11 -6.04 16.98 4.76
C GLY A 11 -7.24 16.93 5.66
N CYS A 12 -7.07 16.48 6.92
CA CYS A 12 -8.20 16.41 7.84
C CYS A 12 -8.35 17.78 8.50
N TYR A 13 -8.90 18.71 7.72
CA TYR A 13 -9.03 20.08 8.20
C TYR A 13 -9.99 20.17 9.39
N ASP A 14 -11.17 19.55 9.27
CA ASP A 14 -12.14 19.63 10.37
C ASP A 14 -11.53 19.20 11.69
N GLU A 15 -10.86 18.05 11.70
CA GLU A 15 -10.29 17.53 12.93
C GLU A 15 -9.16 18.42 13.44
N LEU A 16 -8.42 19.05 12.52
CA LEU A 16 -7.34 19.94 12.95
C LEU A 16 -7.90 21.12 13.71
N ILE A 17 -8.95 21.74 13.16
CA ILE A 17 -9.51 22.95 13.75
C ILE A 17 -10.15 22.62 15.08
N ALA A 18 -10.84 21.49 15.16
CA ALA A 18 -11.49 21.10 16.40
C ALA A 18 -10.45 20.80 17.47
N LEU A 19 -9.35 20.13 17.11
CA LEU A 19 -8.30 19.88 18.08
C LEU A 19 -7.70 21.20 18.59
N LEU A 20 -7.43 22.13 17.67
CA LEU A 20 -6.86 23.43 18.04
C LEU A 20 -7.82 24.24 18.89
N HIS A 21 -9.13 24.12 18.65
CA HIS A 21 -10.11 24.80 19.52
C HIS A 21 -10.15 24.18 20.91
N LYS A 22 -10.02 22.86 20.99
CA LYS A 22 -9.94 22.17 22.26
C LYS A 22 -8.87 22.79 23.16
N VAL A 23 -7.65 23.01 22.62
CA VAL A 23 -6.57 23.57 23.43
C VAL A 23 -6.59 25.09 23.44
N GLU A 24 -7.54 25.72 22.76
CA GLU A 24 -7.64 27.18 22.65
C GLU A 24 -6.36 27.78 22.08
N PHE A 25 -5.91 27.20 20.97
CA PHE A 25 -4.70 27.68 20.32
C PHE A 25 -4.84 29.14 19.90
N THR A 26 -3.90 29.96 20.35
CA THR A 26 -3.97 31.40 20.12
C THR A 26 -2.71 31.86 19.41
N PRO A 27 -2.75 32.07 18.09
CA PRO A 27 -1.59 32.64 17.40
C PRO A 27 -1.09 33.87 18.13
N GLY A 28 0.22 33.93 18.35
CA GLY A 28 0.78 35.08 19.03
C GLY A 28 1.25 34.73 20.43
N LYS A 29 0.39 34.05 21.19
CA LYS A 29 0.76 33.50 22.50
C LYS A 29 1.20 32.05 22.41
N ASP A 30 0.84 31.34 21.35
CA ASP A 30 1.09 29.91 21.20
C ASP A 30 1.87 29.67 19.91
N THR A 31 2.53 28.51 19.82
CA THR A 31 3.21 28.07 18.59
C THR A 31 2.82 26.64 18.27
N LEU A 32 2.64 26.38 16.98
CA LEU A 32 2.20 25.07 16.52
C LEU A 32 3.34 24.45 15.74
N TRP A 33 3.73 23.22 16.11
CA TRP A 33 4.67 22.43 15.35
C TRP A 33 3.89 21.33 14.64
N LEU A 34 4.18 21.13 13.35
CA LEU A 34 3.47 20.14 12.55
C LEU A 34 4.48 19.23 11.91
N THR A 35 4.22 17.91 11.97
CA THR A 35 5.14 16.89 11.49
C THR A 35 5.08 16.66 9.98
N GLY A 36 4.29 17.42 9.23
CA GLY A 36 4.27 17.30 7.77
C GLY A 36 3.24 16.28 7.30
N ASP A 37 3.17 16.07 5.99
CA ASP A 37 2.05 15.35 5.42
C ASP A 37 0.76 16.05 5.85
N LEU A 38 0.68 17.32 5.45
CA LEU A 38 -0.51 18.14 5.64
C LEU A 38 -1.62 17.78 4.66
N VAL A 39 -1.30 17.05 3.60
CA VAL A 39 -2.16 16.94 2.43
C VAL A 39 -2.33 15.47 2.07
N ALA A 40 -3.28 15.22 1.17
CA ALA A 40 -3.56 13.92 0.58
C ALA A 40 -4.34 13.02 1.55
N ARG A 41 -5.14 12.14 0.96
CA ARG A 41 -6.00 11.18 1.64
C ARG A 41 -7.22 11.87 2.25
N GLY A 42 -7.02 12.93 3.04
CA GLY A 42 -8.14 13.61 3.65
C GLY A 42 -8.88 14.51 2.68
N PRO A 43 -10.14 14.89 2.99
CA PRO A 43 -10.88 15.74 2.05
C PRO A 43 -10.38 17.18 1.94
N GLY A 44 -9.73 17.72 2.99
CA GLY A 44 -9.50 19.15 3.06
C GLY A 44 -8.06 19.65 2.93
N SER A 45 -7.29 19.03 2.03
CA SER A 45 -5.90 19.46 1.81
C SER A 45 -5.82 20.93 1.41
N LEU A 46 -6.74 21.41 0.57
CA LEU A 46 -6.75 22.83 0.20
C LEU A 46 -6.94 23.72 1.44
N ASP A 47 -7.94 23.45 2.29
CA ASP A 47 -8.14 24.26 3.50
C ASP A 47 -6.99 24.15 4.50
N VAL A 48 -6.36 22.99 4.59
CA VAL A 48 -5.24 22.87 5.55
C VAL A 48 -4.06 23.73 5.13
N LEU A 49 -3.71 23.71 3.84
CA LEU A 49 -2.60 24.55 3.40
C LEU A 49 -2.90 26.01 3.60
N ARG A 50 -4.12 26.44 3.25
CA ARG A 50 -4.41 27.86 3.41
C ARG A 50 -4.25 28.23 4.87
N TYR A 51 -4.81 27.41 5.75
CA TYR A 51 -4.75 27.76 7.17
C TYR A 51 -3.31 27.71 7.70
N VAL A 52 -2.55 26.63 7.42
CA VAL A 52 -1.20 26.56 8.00
C VAL A 52 -0.34 27.71 7.48
N LYS A 53 -0.48 28.05 6.20
CA LYS A 53 0.29 29.15 5.64
C LYS A 53 -0.06 30.47 6.32
N SER A 54 -1.31 30.66 6.68
CA SER A 54 -1.72 31.90 7.32
C SER A 54 -1.13 32.04 8.72
N LEU A 55 -0.80 30.93 9.38
CA LEU A 55 -0.23 30.99 10.73
C LEU A 55 1.10 31.76 10.75
N GLY A 56 1.85 31.76 9.67
CA GLY A 56 3.07 32.54 9.65
C GLY A 56 4.09 31.91 10.61
N ASP A 57 4.72 32.74 11.44
CA ASP A 57 5.74 32.25 12.35
C ASP A 57 5.16 31.61 13.61
N SER A 58 3.83 31.55 13.73
CA SER A 58 3.16 30.75 14.75
C SER A 58 3.07 29.29 14.37
N VAL A 59 3.72 28.88 13.28
CA VAL A 59 3.75 27.48 12.87
C VAL A 59 5.17 27.13 12.48
N ARG A 60 5.63 25.97 12.94
CA ARG A 60 6.91 25.40 12.57
C ARG A 60 6.59 24.06 11.93
N LEU A 61 6.81 23.98 10.63
CA LEU A 61 6.47 22.83 9.81
C LEU A 61 7.75 22.12 9.34
N VAL A 62 7.65 20.80 9.19
CA VAL A 62 8.60 20.06 8.35
C VAL A 62 7.81 19.37 7.24
N LEU A 63 8.44 19.25 6.08
CA LEU A 63 7.80 18.61 4.94
C LEU A 63 7.86 17.09 5.05
N GLY A 64 6.75 16.41 4.72
CA GLY A 64 6.69 14.97 4.71
C GLY A 64 6.75 14.42 3.28
N ASN A 65 6.57 13.11 3.16
CA ASN A 65 6.70 12.51 1.82
C ASN A 65 5.50 12.81 0.93
N HIS A 66 4.35 13.11 1.51
CA HIS A 66 3.17 13.42 0.73
C HIS A 66 3.16 14.87 0.31
N ASP A 67 3.72 15.74 1.14
CA ASP A 67 4.02 17.11 0.71
C ASP A 67 4.94 17.10 -0.51
N LEU A 68 6.04 16.33 -0.44
CA LEU A 68 6.92 16.23 -1.60
C LEU A 68 6.20 15.64 -2.80
N HIS A 69 5.40 14.60 -2.60
CA HIS A 69 4.66 14.04 -3.73
C HIS A 69 3.72 15.08 -4.34
N LEU A 70 3.05 15.88 -3.50
CA LEU A 70 2.19 16.93 -4.01
C LEU A 70 2.96 17.88 -4.91
N LEU A 71 4.17 18.27 -4.49
CA LEU A 71 4.97 19.21 -5.26
C LEU A 71 5.43 18.58 -6.57
N ALA A 72 5.65 17.25 -6.56
CA ALA A 72 6.00 16.54 -7.80
C ALA A 72 4.83 16.47 -8.77
N VAL A 73 3.61 16.35 -8.27
CA VAL A 73 2.45 16.38 -9.16
C VAL A 73 2.26 17.78 -9.73
N PHE A 74 2.32 18.78 -8.85
CA PHE A 74 2.12 20.16 -9.28
C PHE A 74 3.06 20.53 -10.43
N ALA A 75 4.32 20.14 -10.33
CA ALA A 75 5.34 20.44 -11.33
C ALA A 75 5.32 19.51 -12.53
N GLY A 76 4.36 18.57 -12.59
CA GLY A 76 4.30 17.66 -13.71
C GLY A 76 5.35 16.59 -13.72
N ILE A 77 6.04 16.38 -12.59
CA ILE A 77 7.02 15.31 -12.47
C ILE A 77 6.32 13.96 -12.29
N SER A 78 5.22 13.93 -11.54
CA SER A 78 4.58 12.69 -11.14
C SER A 78 3.08 12.75 -11.42
N ARG A 79 2.47 11.58 -11.52
CA ARG A 79 1.05 11.50 -11.87
C ARG A 79 0.18 11.54 -10.62
N ASN A 80 -0.95 12.23 -10.74
CA ASN A 80 -1.92 12.34 -9.64
C ASN A 80 -2.63 11.02 -9.41
N LYS A 81 -2.65 10.57 -8.17
CA LYS A 81 -3.44 9.40 -7.81
C LYS A 81 -4.83 9.86 -7.38
N PRO A 82 -5.90 9.36 -7.98
CA PRO A 82 -7.25 9.78 -7.53
C PRO A 82 -7.45 9.63 -6.02
N LYS A 83 -6.93 8.55 -5.42
CA LYS A 83 -7.14 8.32 -3.99
C LYS A 83 -6.59 9.45 -3.13
N ASP A 84 -5.64 10.25 -3.64
CA ASP A 84 -5.05 11.31 -2.84
C ASP A 84 -5.95 12.53 -2.65
N ARG A 85 -6.97 12.69 -3.50
CA ARG A 85 -7.92 13.82 -3.41
C ARG A 85 -7.19 15.15 -3.42
N LEU A 86 -6.18 15.28 -4.29
CA LEU A 86 -5.46 16.54 -4.48
C LEU A 86 -6.08 17.49 -5.51
N THR A 87 -7.12 17.08 -6.24
CA THR A 87 -7.60 17.93 -7.34
C THR A 87 -8.11 19.30 -6.90
N PRO A 88 -8.92 19.43 -5.86
CA PRO A 88 -9.35 20.79 -5.47
C PRO A 88 -8.18 21.70 -5.18
N LEU A 89 -7.11 21.16 -4.55
CA LEU A 89 -5.92 21.96 -4.27
C LEU A 89 -5.16 22.29 -5.54
N LEU A 90 -4.91 21.30 -6.38
CA LEU A 90 -4.19 21.58 -7.63
C LEU A 90 -4.98 22.54 -8.53
N GLU A 91 -6.30 22.52 -8.49
CA GLU A 91 -7.10 23.41 -9.35
C GLU A 91 -7.47 24.74 -8.71
N ALA A 92 -7.05 25.00 -7.46
CA ALA A 92 -7.47 26.23 -6.82
C ALA A 92 -6.79 27.42 -7.48
N PRO A 93 -7.41 28.60 -7.45
CA PRO A 93 -6.74 29.77 -8.04
C PRO A 93 -5.45 30.14 -7.34
N ASP A 94 -5.35 29.94 -6.02
CA ASP A 94 -4.14 30.28 -5.30
C ASP A 94 -3.17 29.11 -5.20
N ALA A 95 -3.29 28.11 -6.08
CA ALA A 95 -2.43 26.93 -5.93
C ALA A 95 -0.96 27.29 -6.07
N ASP A 96 -0.61 28.13 -7.06
CA ASP A 96 0.78 28.59 -7.17
C ASP A 96 1.28 29.17 -5.87
N GLU A 97 0.51 30.10 -5.28
CA GLU A 97 0.92 30.77 -4.05
C GLU A 97 1.10 29.77 -2.92
N LEU A 98 0.16 28.81 -2.79
CA LEU A 98 0.25 27.82 -1.71
C LEU A 98 1.44 26.89 -1.93
N LEU A 99 1.66 26.42 -3.16
CA LEU A 99 2.70 25.41 -3.33
C LEU A 99 4.09 26.00 -3.34
N ASN A 100 4.25 27.23 -3.82
CA ASN A 100 5.54 27.90 -3.71
C ASN A 100 5.88 28.22 -2.28
N TRP A 101 4.90 28.55 -1.45
CA TRP A 101 5.20 28.67 -0.02
C TRP A 101 5.55 27.28 0.54
N LEU A 102 4.79 26.26 0.18
CA LEU A 102 5.02 24.93 0.74
C LEU A 102 6.42 24.43 0.44
N ARG A 103 6.92 24.69 -0.76
CA ARG A 103 8.24 24.15 -1.07
C ARG A 103 9.37 24.88 -0.36
N ARG A 104 9.10 26.03 0.25
N ARG A 104 9.09 26.04 0.23
CA ARG A 104 10.12 26.79 0.96
CA ARG A 104 10.07 26.83 0.96
C ARG A 104 10.19 26.45 2.44
C ARG A 104 10.20 26.43 2.42
N GLN A 105 9.45 25.44 2.88
CA GLN A 105 9.41 25.11 4.31
C GLN A 105 10.53 24.16 4.65
N PRO A 106 10.94 24.09 5.91
CA PRO A 106 12.11 23.27 6.26
C PRO A 106 11.77 21.78 6.23
N LEU A 107 12.84 20.96 6.25
CA LEU A 107 12.77 19.53 6.54
C LEU A 107 13.05 19.22 8.00
N LEU A 108 13.67 20.15 8.71
CA LEU A 108 14.11 19.92 10.06
C LEU A 108 13.84 21.19 10.87
N GLN A 109 13.36 21.03 12.10
CA GLN A 109 13.14 22.14 13.02
C GLN A 109 13.90 21.82 14.30
N ILE A 110 14.67 22.80 14.80
CA ILE A 110 15.38 22.61 16.07
C ILE A 110 15.05 23.77 17.01
N ASP A 111 14.80 23.47 18.28
CA ASP A 111 14.60 24.48 19.33
C ASP A 111 15.57 24.19 20.46
N GLU A 112 16.68 24.93 20.51
CA GLU A 112 17.75 24.66 21.46
C GLU A 112 17.30 24.85 22.89
N GLU A 113 16.37 25.79 23.12
CA GLU A 113 15.90 26.08 24.47
C GLU A 113 15.07 24.92 25.02
N LYS A 114 14.27 24.27 24.18
CA LYS A 114 13.58 23.06 24.59
C LYS A 114 14.40 21.81 24.28
N LYS A 115 15.57 21.96 23.64
CA LYS A 115 16.35 20.82 23.19
C LYS A 115 15.42 19.82 22.51
N LEU A 116 14.67 20.33 21.52
CA LEU A 116 13.65 19.58 20.81
C LEU A 116 13.97 19.60 19.32
N VAL A 117 13.84 18.46 18.66
CA VAL A 117 14.11 18.32 17.24
C VAL A 117 12.88 17.74 16.59
N MET A 118 12.50 18.25 15.39
CA MET A 118 11.40 17.70 14.61
C MET A 118 11.86 17.46 13.16
N ALA A 119 11.59 16.25 12.68
CA ALA A 119 11.57 15.92 11.26
C ALA A 119 10.41 14.97 11.03
N HIS A 120 10.03 14.82 9.76
CA HIS A 120 8.84 14.04 9.45
C HIS A 120 8.95 12.58 9.89
N ALA A 121 10.06 11.91 9.56
CA ALA A 121 10.22 10.50 9.89
C ALA A 121 11.24 10.26 11.00
N GLY A 122 12.02 11.27 11.35
CA GLY A 122 12.89 11.22 12.50
C GLY A 122 14.28 11.60 12.08
N ILE A 123 15.26 11.25 12.92
CA ILE A 123 16.67 11.49 12.64
C ILE A 123 17.32 10.13 12.57
N THR A 124 17.95 9.85 11.41
CA THR A 124 18.67 8.59 11.27
C THR A 124 19.76 8.52 12.33
N PRO A 125 19.93 7.38 13.01
CA PRO A 125 21.04 7.29 13.96
C PRO A 125 22.43 7.46 13.34
N GLN A 126 22.54 7.47 12.01
CA GLN A 126 23.85 7.69 11.41
C GLN A 126 24.19 9.16 11.31
N TRP A 127 23.31 10.06 11.77
CA TRP A 127 23.54 11.49 11.71
C TRP A 127 23.74 12.06 13.11
N ASP A 128 24.71 12.99 13.25
CA ASP A 128 24.73 13.90 14.37
C ASP A 128 23.98 15.16 13.99
N LEU A 129 23.82 16.05 14.95
CA LEU A 129 22.99 17.22 14.72
C LEU A 129 23.56 18.04 13.56
N GLN A 130 24.88 18.24 13.55
CA GLN A 130 25.49 19.10 12.55
C GLN A 130 25.34 18.51 11.14
N THR A 131 25.39 17.19 11.03
CA THR A 131 25.13 16.55 9.75
C THR A 131 23.66 16.69 9.36
N ALA A 132 22.75 16.40 10.30
CA ALA A 132 21.34 16.61 10.02
C ALA A 132 21.10 18.03 9.49
N LYS A 133 21.67 19.04 10.15
CA LYS A 133 21.39 20.41 9.72
C LYS A 133 21.95 20.68 8.33
N GLU A 134 23.18 20.25 8.08
CA GLU A 134 23.75 20.43 6.75
C GLU A 134 22.90 19.78 5.67
N CYS A 135 22.41 18.58 5.95
CA CYS A 135 21.58 17.84 5.02
C CYS A 135 20.24 18.52 4.78
N ALA A 136 19.59 19.01 5.83
CA ALA A 136 18.35 19.75 5.63
C ALA A 136 18.58 21.00 4.84
N ARG A 137 19.66 21.74 5.16
CA ARG A 137 19.95 22.94 4.38
C ARG A 137 20.11 22.59 2.90
N ASP A 138 20.82 21.51 2.60
CA ASP A 138 21.09 21.16 1.20
C ASP A 138 19.79 20.85 0.46
N VAL A 139 18.88 20.08 1.06
CA VAL A 139 17.68 19.71 0.32
C VAL A 139 16.66 20.85 0.27
N GLU A 140 16.54 21.61 1.36
CA GLU A 140 15.75 22.84 1.36
C GLU A 140 16.25 23.82 0.29
N ALA A 141 17.57 23.92 0.10
CA ALA A 141 18.14 24.86 -0.88
C ALA A 141 17.71 24.50 -2.31
N VAL A 142 17.64 23.22 -2.61
CA VAL A 142 17.20 22.82 -3.94
C VAL A 142 15.69 22.93 -4.05
N LEU A 143 14.96 22.75 -2.95
CA LEU A 143 13.50 22.82 -3.05
C LEU A 143 13.01 24.25 -3.17
N SER A 144 13.74 25.22 -2.60
CA SER A 144 13.33 26.61 -2.71
C SER A 144 13.91 27.29 -3.95
N SER A 145 14.57 26.54 -4.83
CA SER A 145 15.20 27.13 -6.00
C SER A 145 14.25 27.08 -7.19
N ASP A 146 14.58 27.88 -8.20
CA ASP A 146 13.79 27.89 -9.42
C ASP A 146 13.81 26.55 -10.13
N SER A 147 14.79 25.70 -9.81
CA SER A 147 15.02 24.44 -10.50
C SER A 147 14.47 23.24 -9.73
N TYR A 148 13.50 23.46 -8.84
CA TYR A 148 13.09 22.39 -7.95
C TYR A 148 12.46 21.19 -8.67
N PRO A 149 11.89 21.32 -9.88
CA PRO A 149 11.36 20.10 -10.53
C PRO A 149 12.42 19.09 -10.95
N PHE A 150 13.64 19.53 -11.23
CA PHE A 150 14.72 18.58 -11.43
C PHE A 150 15.02 17.81 -10.16
N PHE A 151 15.10 18.49 -9.00
CA PHE A 151 15.30 17.75 -7.76
C PHE A 151 14.20 16.72 -7.56
N LEU A 152 12.95 17.18 -7.60
CA LEU A 152 11.82 16.29 -7.31
C LEU A 152 11.89 15.03 -8.14
N ASP A 153 12.33 15.17 -9.40
CA ASP A 153 12.52 13.99 -10.25
C ASP A 153 13.69 13.14 -9.74
N ALA A 154 14.80 13.78 -9.39
CA ALA A 154 15.97 13.02 -8.95
C ALA A 154 15.74 12.34 -7.61
N MET A 155 14.89 12.92 -6.74
CA MET A 155 14.72 12.42 -5.38
C MET A 155 14.21 10.98 -5.37
N TYR A 156 13.34 10.60 -6.32
CA TYR A 156 12.74 9.26 -6.28
C TYR A 156 13.81 8.19 -6.33
N GLY A 157 13.70 7.20 -5.45
CA GLY A 157 14.68 6.13 -5.39
C GLY A 157 14.79 5.56 -3.98
N ASP A 158 15.41 4.38 -3.90
CA ASP A 158 15.59 3.73 -2.61
C ASP A 158 17.05 3.51 -2.21
N MET A 159 18.00 3.75 -3.10
CA MET A 159 19.41 3.70 -2.80
C MET A 159 20.07 5.05 -3.00
N PRO A 160 21.20 5.30 -2.35
CA PRO A 160 21.87 4.42 -1.37
C PRO A 160 21.13 4.46 -0.04
N ASN A 161 21.31 3.46 0.82
CA ASN A 161 20.65 3.43 2.11
C ASN A 161 21.64 3.53 3.27
N ASN A 162 22.84 4.03 3.00
CA ASN A 162 23.90 4.06 4.00
C ASN A 162 24.57 5.43 3.92
N TRP A 163 24.54 6.16 5.03
CA TRP A 163 25.10 7.49 5.00
C TRP A 163 26.62 7.43 5.00
N SER A 164 27.23 8.35 4.27
CA SER A 164 28.65 8.59 4.37
C SER A 164 28.84 10.05 4.04
N PRO A 165 29.76 10.74 4.73
CA PRO A 165 30.09 12.12 4.32
C PRO A 165 30.70 12.20 2.93
N GLU A 166 31.04 11.08 2.32
CA GLU A 166 31.59 11.07 0.97
C GLU A 166 30.54 10.83 -0.09
N LEU A 167 29.28 10.67 0.30
CA LEU A 167 28.19 10.59 -0.68
C LEU A 167 28.11 11.92 -1.42
N ARG A 168 28.00 11.86 -2.75
CA ARG A 168 27.95 13.05 -3.59
C ARG A 168 26.78 12.97 -4.55
N GLY A 169 26.31 14.13 -4.99
CA GLY A 169 25.41 14.17 -6.12
C GLY A 169 24.05 13.54 -5.85
N LEU A 170 23.54 12.81 -6.83
CA LEU A 170 22.16 12.34 -6.77
C LEU A 170 21.97 11.38 -5.61
N GLY A 171 22.99 10.57 -5.32
CA GLY A 171 22.85 9.59 -4.27
C GLY A 171 22.75 10.22 -2.90
N ARG A 172 23.52 11.29 -2.67
CA ARG A 172 23.41 12.01 -1.41
C ARG A 172 22.03 12.63 -1.25
N LEU A 173 21.52 13.24 -2.32
CA LEU A 173 20.20 13.83 -2.26
C LEU A 173 19.13 12.78 -1.98
N ARG A 174 19.17 11.63 -2.63
CA ARG A 174 18.14 10.61 -2.41
C ARG A 174 18.17 10.11 -0.97
N PHE A 175 19.35 9.83 -0.44
CA PHE A 175 19.42 9.36 0.94
C PHE A 175 18.88 10.39 1.91
N ILE A 176 19.33 11.64 1.78
CA ILE A 176 18.82 12.69 2.67
C ILE A 176 17.30 12.69 2.63
N THR A 177 16.72 12.62 1.42
CA THR A 177 15.27 12.72 1.30
C THR A 177 14.58 11.53 1.94
N ASN A 178 15.15 10.33 1.77
CA ASN A 178 14.55 9.13 2.37
C ASN A 178 14.68 9.15 3.89
N ALA A 179 15.79 9.64 4.41
CA ALA A 179 16.01 9.65 5.86
C ALA A 179 15.03 10.61 6.55
N PHE A 180 14.80 11.78 5.97
CA PHE A 180 13.91 12.74 6.61
C PHE A 180 12.43 12.39 6.39
N THR A 181 12.05 11.80 5.23
CA THR A 181 10.63 11.70 4.91
C THR A 181 10.07 10.28 4.77
N ARG A 182 10.91 9.25 4.78
CA ARG A 182 10.45 7.89 4.50
C ARG A 182 10.94 6.86 5.52
N MET A 183 12.03 7.14 6.23
CA MET A 183 12.59 6.21 7.20
C MET A 183 11.56 5.64 8.17
N ARG A 184 11.70 4.36 8.45
CA ARG A 184 11.04 3.71 9.59
C ARG A 184 12.00 2.76 10.27
N PHE A 185 12.32 1.65 9.60
CA PHE A 185 13.17 0.63 10.18
C PHE A 185 14.63 0.84 9.80
N CYS A 186 15.50 0.25 10.59
CA CYS A 186 16.93 0.35 10.38
C CYS A 186 17.55 -1.02 10.60
N PHE A 187 18.57 -1.34 9.82
CA PHE A 187 19.40 -2.50 10.13
C PHE A 187 20.30 -2.17 11.32
N PRO A 188 20.86 -3.20 11.99
CA PRO A 188 21.67 -2.93 13.18
C PRO A 188 22.78 -1.89 12.97
N ASN A 189 23.31 -1.78 11.76
CA ASN A 189 24.37 -0.82 11.49
C ASN A 189 23.85 0.59 11.22
N GLY A 190 22.52 0.78 11.22
CA GLY A 190 21.89 2.07 10.99
C GLY A 190 21.37 2.27 9.57
N GLN A 191 21.69 1.39 8.63
CA GLN A 191 21.27 1.59 7.24
C GLN A 191 19.76 1.50 7.10
N LEU A 192 19.21 2.36 6.25
CA LEU A 192 17.76 2.43 6.10
C LEU A 192 17.21 1.18 5.41
N ASP A 193 16.07 0.69 5.88
CA ASP A 193 15.23 -0.23 5.12
C ASP A 193 14.05 0.53 4.54
N MET A 194 13.86 0.44 3.22
CA MET A 194 12.88 1.26 2.53
C MET A 194 11.57 0.53 2.25
N TYR A 195 11.39 -0.70 2.73
CA TYR A 195 10.24 -1.48 2.27
C TYR A 195 9.23 -1.80 3.35
N SER A 196 9.66 -2.00 4.59
CA SER A 196 8.75 -2.40 5.65
C SER A 196 7.98 -1.19 6.18
N LYS A 197 6.65 -1.28 6.20
CA LYS A 197 5.83 -0.25 6.84
C LYS A 197 4.94 -0.82 7.95
N GLU A 198 5.28 -1.99 8.49
CA GLU A 198 4.51 -2.64 9.54
C GLU A 198 4.87 -2.06 10.90
N SER A 199 4.17 -2.51 11.93
CA SER A 199 4.51 -2.09 13.29
C SER A 199 5.80 -2.77 13.74
N PRO A 200 6.48 -2.21 14.75
CA PRO A 200 7.76 -2.80 15.19
C PRO A 200 7.67 -4.29 15.51
N GLU A 201 6.62 -4.71 16.23
CA GLU A 201 6.48 -6.11 16.62
C GLU A 201 6.26 -7.02 15.41
N GLU A 202 5.60 -6.53 14.37
CA GLU A 202 5.38 -7.31 13.15
C GLU A 202 6.53 -7.25 12.16
N ALA A 203 7.58 -6.47 12.45
CA ALA A 203 8.61 -6.33 11.44
C ALA A 203 9.57 -7.53 11.46
N PRO A 204 10.15 -7.89 10.31
CA PRO A 204 11.06 -9.03 10.26
C PRO A 204 12.47 -8.68 10.75
N ALA A 205 13.03 -9.58 11.56
CA ALA A 205 14.39 -9.37 12.04
C ALA A 205 15.35 -9.30 10.85
N PRO A 206 16.49 -8.61 11.00
CA PRO A 206 16.97 -7.92 12.21
C PRO A 206 16.52 -6.46 12.25
N LEU A 207 15.47 -6.12 11.51
CA LEU A 207 14.98 -4.74 11.47
C LEU A 207 14.55 -4.28 12.86
N LYS A 208 15.02 -3.10 13.25
CA LYS A 208 14.55 -2.41 14.43
C LYS A 208 14.17 -0.98 14.05
N PRO A 209 13.32 -0.32 14.84
CA PRO A 209 12.92 1.05 14.48
C PRO A 209 14.10 1.97 14.63
N TRP A 210 14.13 3.02 13.80
CA TRP A 210 15.29 3.90 13.82
C TRP A 210 15.57 4.40 15.23
N PHE A 211 14.53 4.61 16.04
CA PHE A 211 14.73 5.18 17.38
C PHE A 211 15.20 4.15 18.41
N ALA A 212 15.18 2.85 18.09
CA ALA A 212 15.75 1.83 18.96
C ALA A 212 17.25 1.69 18.80
N ILE A 213 17.87 2.52 17.98
CA ILE A 213 19.30 2.46 17.73
C ILE A 213 19.90 3.76 18.25
N PRO A 214 20.69 3.74 19.33
CA PRO A 214 21.18 4.99 19.91
C PRO A 214 21.94 5.81 18.88
N GLY A 215 21.58 7.10 18.80
CA GLY A 215 22.27 8.02 17.92
C GLY A 215 22.59 9.32 18.64
N PRO A 216 23.54 10.07 18.08
CA PRO A 216 24.03 11.27 18.79
C PRO A 216 22.95 12.29 19.02
N VAL A 217 21.96 12.39 18.13
CA VAL A 217 20.94 13.42 18.32
C VAL A 217 20.02 13.04 19.46
N ALA A 218 19.45 11.83 19.40
CA ALA A 218 18.53 11.38 20.42
C ALA A 218 19.15 11.42 21.81
N GLU A 219 20.49 11.34 21.91
CA GLU A 219 21.12 11.35 23.24
C GLU A 219 21.11 12.74 23.87
N GLU A 220 21.14 13.80 23.07
CA GLU A 220 21.09 15.16 23.61
C GLU A 220 19.74 15.85 23.45
N TYR A 221 18.87 15.36 22.58
CA TYR A 221 17.65 16.05 22.22
C TYR A 221 16.46 15.09 22.24
N SER A 222 15.30 15.65 22.54
CA SER A 222 14.05 14.96 22.26
C SER A 222 13.78 15.07 20.76
N ILE A 223 13.11 14.07 20.22
CA ILE A 223 12.76 14.07 18.80
C ILE A 223 11.27 13.80 18.66
N ALA A 224 10.57 14.70 17.97
CA ALA A 224 9.18 14.49 17.62
C ALA A 224 9.07 14.22 16.12
N PHE A 225 8.18 13.31 15.72
CA PHE A 225 8.08 12.94 14.32
C PHE A 225 6.66 12.44 14.01
N GLY A 226 6.36 12.29 12.74
CA GLY A 226 5.04 11.82 12.34
C GLY A 226 5.18 10.57 11.48
N HIS A 227 4.55 10.56 10.30
CA HIS A 227 4.89 9.61 9.24
C HIS A 227 4.46 8.16 9.46
N TRP A 228 4.89 7.56 10.57
CA TRP A 228 4.81 6.12 10.78
C TRP A 228 3.49 5.76 11.47
N ALA A 229 2.43 5.64 10.67
CA ALA A 229 1.09 5.46 11.24
C ALA A 229 0.94 4.11 11.93
N SER A 230 1.56 3.05 11.40
CA SER A 230 1.42 1.73 11.98
C SER A 230 2.04 1.61 13.37
N LEU A 231 2.89 2.56 13.77
CA LEU A 231 3.37 2.64 15.15
C LEU A 231 2.23 3.02 16.09
N GLU A 232 1.24 3.75 15.58
CA GLU A 232 0.09 4.18 16.36
C GLU A 232 0.49 5.02 17.57
N GLY A 233 1.62 5.73 17.48
CA GLY A 233 2.08 6.55 18.59
C GLY A 233 2.60 5.79 19.80
N LYS A 234 2.86 4.49 19.66
CA LYS A 234 3.14 3.59 20.77
C LYS A 234 4.56 3.08 20.72
N GLY A 235 5.07 2.64 21.87
CA GLY A 235 6.29 1.88 21.91
C GLY A 235 7.57 2.66 21.65
N THR A 236 7.60 3.96 21.94
CA THR A 236 8.83 4.71 21.76
C THR A 236 9.55 4.88 23.09
N PRO A 237 10.87 5.11 23.05
CA PRO A 237 11.62 5.32 24.30
C PRO A 237 11.43 6.73 24.83
N GLU A 238 11.93 6.94 26.05
CA GLU A 238 11.86 8.26 26.66
C GLU A 238 12.55 9.25 25.75
N GLY A 239 11.89 10.37 25.50
CA GLY A 239 12.48 11.42 24.69
C GLY A 239 12.14 11.34 23.21
N ILE A 240 11.40 10.31 22.78
CA ILE A 240 11.02 10.11 21.39
C ILE A 240 9.50 10.16 21.31
N TYR A 241 8.97 11.09 20.52
CA TYR A 241 7.53 11.34 20.50
C TYR A 241 7.00 11.05 19.10
N ALA A 242 6.26 9.95 18.96
CA ALA A 242 5.63 9.58 17.70
C ALA A 242 4.20 10.12 17.72
N LEU A 243 3.94 11.09 16.86
CA LEU A 243 2.74 11.90 16.94
C LEU A 243 1.70 11.52 15.90
N ASP A 244 2.03 10.67 14.92
CA ASP A 244 1.10 10.28 13.87
C ASP A 244 0.24 9.11 14.36
N THR A 245 -1.03 9.39 14.61
CA THR A 245 -1.96 8.38 15.11
C THR A 245 -3.04 8.06 14.09
N GLY A 246 -2.74 8.22 12.81
CA GLY A 246 -3.59 7.76 11.74
C GLY A 246 -4.94 8.43 11.61
N CYS A 247 -5.01 9.75 11.80
CA CYS A 247 -6.28 10.46 11.64
C CYS A 247 -6.92 10.18 10.29
N CYS A 248 -6.21 10.47 9.19
CA CYS A 248 -6.75 10.20 7.86
C CYS A 248 -7.19 8.76 7.70
N TRP A 249 -6.64 7.82 8.48
CA TRP A 249 -6.97 6.42 8.34
C TRP A 249 -8.13 6.00 9.22
N GLY A 250 -8.83 6.94 9.85
CA GLY A 250 -9.82 6.58 10.84
C GLY A 250 -9.28 6.38 12.24
N GLY A 251 -8.02 6.74 12.49
CA GLY A 251 -7.49 6.76 13.85
C GLY A 251 -7.85 8.07 14.51
N THR A 252 -6.85 8.77 15.05
CA THR A 252 -7.06 10.04 15.73
C THR A 252 -5.99 11.04 15.33
N LEU A 253 -6.32 12.32 15.52
CA LEU A 253 -5.38 13.44 15.41
C LEU A 253 -4.88 13.78 16.80
N THR A 254 -3.57 13.70 17.00
CA THR A 254 -2.99 13.86 18.33
C THR A 254 -2.17 15.14 18.43
N CYS A 255 -2.38 15.87 19.53
CA CYS A 255 -1.68 17.09 19.84
C CYS A 255 -1.00 16.86 21.18
N LEU A 256 0.27 17.25 21.27
CA LEU A 256 1.05 17.16 22.50
C LEU A 256 1.44 18.58 22.89
N ARG A 257 1.00 19.03 24.06
CA ARG A 257 1.50 20.30 24.57
C ARG A 257 2.87 20.09 25.23
N TRP A 258 3.86 20.88 24.82
CA TRP A 258 5.23 20.63 25.23
C TRP A 258 5.45 20.95 26.71
N GLU A 259 4.94 22.08 27.17
CA GLU A 259 5.25 22.52 28.52
C GLU A 259 4.94 21.45 29.56
N ASP A 260 3.79 20.79 29.44
CA ASP A 260 3.43 19.78 30.42
C ASP A 260 3.36 18.37 29.86
N LYS A 261 3.77 18.15 28.61
CA LYS A 261 3.69 16.84 27.98
C LYS A 261 2.29 16.24 28.12
N GLN A 262 1.27 17.06 27.91
CA GLN A 262 -0.10 16.59 27.97
C GLN A 262 -0.62 16.38 26.54
N TYR A 263 -1.29 15.25 26.33
CA TYR A 263 -1.89 14.90 25.06
C TYR A 263 -3.36 15.29 25.00
N PHE A 264 -3.78 15.75 23.82
CA PHE A 264 -5.16 16.03 23.46
C PHE A 264 -5.47 15.29 22.16
N VAL A 265 -6.63 14.63 22.12
CA VAL A 265 -6.95 13.73 21.03
C VAL A 265 -8.27 14.13 20.41
N GLN A 266 -8.30 14.12 19.08
CA GLN A 266 -9.49 14.39 18.27
C GLN A 266 -9.81 13.17 17.42
N PRO A 267 -10.97 12.55 17.59
CA PRO A 267 -11.27 11.36 16.81
C PRO A 267 -11.50 11.73 15.36
N SER A 268 -11.23 10.76 14.48
CA SER A 268 -11.44 10.97 13.05
C SER A 268 -12.92 11.07 12.73
N ASN A 269 -13.28 11.96 11.79
CA ASN A 269 -14.68 12.03 11.35
C ASN A 269 -15.01 11.05 10.24
N ARG A 270 -14.00 10.44 9.63
CA ARG A 270 -14.19 9.42 8.62
C ARG A 270 -14.53 8.08 9.28
N ALA B 2 -20.84 -32.05 -11.21
CA ALA B 2 -21.16 -30.64 -11.03
C ALA B 2 -19.87 -29.79 -11.00
N THR B 3 -20.03 -28.54 -11.39
CA THR B 3 -18.94 -27.56 -11.39
C THR B 3 -19.20 -26.54 -10.31
N TYR B 4 -18.24 -26.36 -9.41
CA TYR B 4 -18.36 -25.40 -8.32
C TYR B 4 -17.25 -24.36 -8.42
N LEU B 5 -17.60 -23.12 -8.09
CA LEU B 5 -16.69 -21.99 -8.20
C LEU B 5 -16.66 -21.36 -6.81
N ILE B 6 -15.49 -21.31 -6.18
CA ILE B 6 -15.38 -20.69 -4.87
C ILE B 6 -14.42 -19.52 -4.96
N GLY B 7 -14.75 -18.42 -4.27
CA GLY B 7 -13.93 -17.23 -4.24
C GLY B 7 -12.78 -17.43 -3.26
N ASP B 8 -12.14 -16.32 -2.90
CA ASP B 8 -10.91 -16.35 -2.11
C ASP B 8 -11.10 -17.09 -0.77
N VAL B 9 -10.34 -18.19 -0.62
CA VAL B 9 -10.37 -18.96 0.61
C VAL B 9 -9.54 -18.29 1.70
N HIS B 10 -8.40 -17.71 1.36
CA HIS B 10 -7.54 -17.03 2.34
C HIS B 10 -7.33 -17.88 3.61
N GLY B 11 -6.85 -19.10 3.44
CA GLY B 11 -6.54 -19.95 4.58
C GLY B 11 -7.72 -20.34 5.44
N CYS B 12 -8.96 -20.06 5.00
CA CYS B 12 -10.15 -20.45 5.75
C CYS B 12 -10.52 -21.90 5.45
N TYR B 13 -9.66 -22.81 5.97
CA TYR B 13 -9.79 -24.23 5.65
C TYR B 13 -11.07 -24.85 6.21
N ASP B 14 -11.47 -24.48 7.44
CA ASP B 14 -12.66 -25.06 8.03
C ASP B 14 -13.90 -24.68 7.24
N GLU B 15 -14.00 -23.42 6.85
CA GLU B 15 -15.14 -22.95 6.07
C GLU B 15 -15.16 -23.60 4.70
N LEU B 16 -13.98 -23.77 4.08
CA LEU B 16 -13.91 -24.40 2.77
C LEU B 16 -14.45 -25.82 2.80
N ILE B 17 -14.05 -26.59 3.82
CA ILE B 17 -14.44 -28.00 3.91
C ILE B 17 -15.92 -28.14 4.26
N ALA B 18 -16.41 -27.26 5.12
CA ALA B 18 -17.84 -27.23 5.45
C ALA B 18 -18.67 -26.88 4.23
N LEU B 19 -18.24 -25.89 3.45
CA LEU B 19 -18.97 -25.53 2.24
C LEU B 19 -18.97 -26.66 1.23
N LEU B 20 -17.84 -27.36 1.08
CA LEU B 20 -17.79 -28.46 0.14
C LEU B 20 -18.62 -29.65 0.60
N HIS B 21 -18.74 -29.82 1.93
CA HIS B 21 -19.62 -30.85 2.48
C HIS B 21 -21.07 -30.47 2.29
N LYS B 22 -21.40 -29.19 2.41
CA LYS B 22 -22.76 -28.75 2.18
C LYS B 22 -23.24 -29.15 0.79
N VAL B 23 -22.38 -29.05 -0.22
CA VAL B 23 -22.83 -29.33 -1.58
C VAL B 23 -22.40 -30.73 -1.97
N GLU B 24 -21.86 -31.47 -1.00
CA GLU B 24 -21.42 -32.84 -1.20
C GLU B 24 -20.44 -32.97 -2.37
N PHE B 25 -19.44 -32.09 -2.37
CA PHE B 25 -18.41 -32.14 -3.41
C PHE B 25 -17.67 -33.48 -3.42
N THR B 26 -17.59 -34.08 -4.60
CA THR B 26 -17.09 -35.45 -4.76
C THR B 26 -16.06 -35.49 -5.86
N PRO B 27 -14.77 -35.52 -5.55
CA PRO B 27 -13.75 -35.50 -6.60
C PRO B 27 -13.92 -36.65 -7.58
N GLY B 28 -13.71 -36.37 -8.85
CA GLY B 28 -13.98 -37.36 -9.87
C GLY B 28 -15.32 -37.19 -10.55
N LYS B 29 -16.36 -36.86 -9.78
CA LYS B 29 -17.65 -36.51 -10.35
C LYS B 29 -17.87 -35.01 -10.42
N ASP B 30 -17.10 -34.23 -9.65
CA ASP B 30 -17.25 -32.79 -9.56
C ASP B 30 -15.90 -32.13 -9.81
N THR B 31 -15.95 -30.87 -10.24
CA THR B 31 -14.76 -30.05 -10.45
C THR B 31 -14.90 -28.79 -9.63
N LEU B 32 -13.81 -28.36 -8.98
CA LEU B 32 -13.82 -27.16 -8.16
C LEU B 32 -12.94 -26.14 -8.87
N TRP B 33 -13.48 -24.93 -9.08
CA TRP B 33 -12.72 -23.79 -9.58
C TRP B 33 -12.49 -22.84 -8.41
N LEU B 34 -11.24 -22.44 -8.18
CA LEU B 34 -10.87 -21.51 -7.13
C LEU B 34 -10.24 -20.26 -7.75
N THR B 35 -10.62 -19.09 -7.22
CA THR B 35 -10.23 -17.80 -7.79
C THR B 35 -8.86 -17.31 -7.32
N GLY B 36 -8.11 -18.11 -6.57
CA GLY B 36 -6.80 -17.66 -6.08
C GLY B 36 -6.92 -17.03 -4.72
N ASP B 37 -5.77 -16.59 -4.21
CA ASP B 37 -5.66 -16.18 -2.81
C ASP B 37 -6.12 -17.32 -1.89
N LEU B 38 -5.46 -18.46 -2.05
CA LEU B 38 -5.73 -19.60 -1.19
C LEU B 38 -5.22 -19.40 0.22
N VAL B 39 -4.28 -18.46 0.43
CA VAL B 39 -3.42 -18.46 1.60
C VAL B 39 -3.49 -17.08 2.21
N ALA B 40 -3.00 -16.98 3.46
CA ALA B 40 -2.85 -15.72 4.19
C ALA B 40 -4.13 -15.23 4.86
N ARG B 41 -3.94 -14.52 5.98
CA ARG B 41 -5.00 -13.93 6.77
C ARG B 41 -5.71 -15.00 7.59
N GLY B 42 -6.13 -16.09 6.95
CA GLY B 42 -6.86 -17.13 7.63
C GLY B 42 -5.89 -17.96 8.42
N PRO B 43 -6.38 -18.81 9.33
CA PRO B 43 -5.45 -19.60 10.14
C PRO B 43 -4.85 -20.80 9.44
N GLY B 44 -5.45 -21.27 8.33
CA GLY B 44 -5.08 -22.58 7.78
C GLY B 44 -4.55 -22.65 6.34
N SER B 45 -3.71 -21.70 5.92
CA SER B 45 -3.11 -21.74 4.58
C SER B 45 -2.42 -23.06 4.27
N LEU B 46 -1.75 -23.64 5.28
CA LEU B 46 -1.07 -24.92 5.11
C LEU B 46 -2.06 -26.05 4.78
N ASP B 47 -3.16 -26.14 5.54
CA ASP B 47 -4.10 -27.24 5.29
C ASP B 47 -4.81 -27.01 3.97
N VAL B 48 -5.08 -25.75 3.63
CA VAL B 48 -5.78 -25.43 2.37
C VAL B 48 -4.94 -25.81 1.17
N LEU B 49 -3.63 -25.55 1.23
CA LEU B 49 -2.78 -25.93 0.10
C LEU B 49 -2.60 -27.43 0.01
N ARG B 50 -2.39 -28.10 1.15
CA ARG B 50 -2.30 -29.55 1.10
C ARG B 50 -3.52 -30.14 0.43
N TYR B 51 -4.70 -29.64 0.83
CA TYR B 51 -5.94 -30.22 0.33
C TYR B 51 -6.16 -29.89 -1.14
N VAL B 52 -6.04 -28.61 -1.52
CA VAL B 52 -6.24 -28.27 -2.93
C VAL B 52 -5.28 -29.07 -3.81
N LYS B 53 -4.01 -29.18 -3.41
CA LYS B 53 -3.04 -29.94 -4.21
C LYS B 53 -3.47 -31.39 -4.37
N SER B 54 -3.96 -32.00 -3.29
CA SER B 54 -4.39 -33.38 -3.35
C SER B 54 -5.55 -33.58 -4.33
N LEU B 55 -6.31 -32.51 -4.65
CA LEU B 55 -7.45 -32.67 -5.56
C LEU B 55 -7.02 -32.91 -7.01
N GLY B 56 -5.80 -32.54 -7.39
CA GLY B 56 -5.34 -32.86 -8.74
C GLY B 56 -6.24 -32.24 -9.80
N ASP B 57 -6.67 -33.06 -10.75
CA ASP B 57 -7.51 -32.63 -11.87
C ASP B 57 -8.91 -32.22 -11.46
N SER B 58 -9.33 -32.52 -10.24
CA SER B 58 -10.63 -32.09 -9.77
C SER B 58 -10.64 -30.65 -9.30
N VAL B 59 -9.54 -29.92 -9.48
CA VAL B 59 -9.53 -28.51 -9.14
C VAL B 59 -8.85 -27.73 -10.26
N ARG B 60 -9.43 -26.59 -10.61
CA ARG B 60 -8.88 -25.64 -11.56
C ARG B 60 -8.69 -24.33 -10.80
N LEU B 61 -7.42 -23.96 -10.63
CA LEU B 61 -7.02 -22.82 -9.82
C LEU B 61 -6.40 -21.75 -10.70
N VAL B 62 -6.59 -20.49 -10.33
CA VAL B 62 -5.75 -19.41 -10.81
C VAL B 62 -5.05 -18.82 -9.60
N LEU B 63 -3.88 -18.26 -9.84
CA LEU B 63 -3.13 -17.63 -8.77
C LEU B 63 -3.58 -16.19 -8.56
N GLY B 64 -3.66 -15.78 -7.30
CA GLY B 64 -3.94 -14.41 -6.92
C GLY B 64 -2.70 -13.69 -6.40
N ASN B 65 -2.91 -12.43 -6.04
CA ASN B 65 -1.80 -11.60 -5.59
C ASN B 65 -1.21 -12.09 -4.25
N HIS B 66 -2.01 -12.76 -3.42
CA HIS B 66 -1.47 -13.26 -2.17
C HIS B 66 -0.74 -14.57 -2.37
N ASP B 67 -1.02 -15.25 -3.47
CA ASP B 67 -0.32 -16.48 -3.73
C ASP B 67 1.07 -16.14 -4.25
N LEU B 68 1.12 -15.19 -5.19
CA LEU B 68 2.39 -14.67 -5.65
C LEU B 68 3.22 -14.13 -4.50
N HIS B 69 2.60 -13.46 -3.54
CA HIS B 69 3.41 -12.93 -2.46
C HIS B 69 3.98 -14.06 -1.61
N LEU B 70 3.16 -15.09 -1.33
CA LEU B 70 3.65 -16.28 -0.64
C LEU B 70 4.85 -16.90 -1.35
N LEU B 71 4.77 -17.02 -2.68
CA LEU B 71 5.91 -17.49 -3.47
C LEU B 71 7.09 -16.53 -3.37
N ALA B 72 6.83 -15.21 -3.35
CA ALA B 72 7.92 -14.25 -3.19
C ALA B 72 8.64 -14.44 -1.85
N VAL B 73 7.89 -14.69 -0.76
CA VAL B 73 8.51 -14.87 0.56
C VAL B 73 9.30 -16.18 0.60
N PHE B 74 8.69 -17.25 0.10
CA PHE B 74 9.38 -18.54 0.04
C PHE B 74 10.73 -18.41 -0.66
N ALA B 75 10.74 -17.77 -1.83
CA ALA B 75 11.99 -17.56 -2.57
C ALA B 75 12.92 -16.54 -1.92
N GLY B 76 12.55 -15.96 -0.78
CA GLY B 76 13.37 -14.95 -0.15
C GLY B 76 13.43 -13.65 -0.91
N ILE B 77 12.48 -13.42 -1.81
CA ILE B 77 12.39 -12.12 -2.48
C ILE B 77 11.80 -11.10 -1.53
N SER B 78 10.80 -11.51 -0.76
CA SER B 78 10.05 -10.63 0.12
C SER B 78 10.06 -11.21 1.52
N ARG B 79 9.90 -10.35 2.50
CA ARG B 79 10.06 -10.78 3.87
C ARG B 79 8.70 -11.19 4.44
N ASN B 80 8.70 -12.30 5.17
CA ASN B 80 7.46 -12.80 5.73
C ASN B 80 6.91 -11.82 6.76
N LYS B 81 5.62 -11.49 6.65
CA LYS B 81 4.95 -10.65 7.62
C LYS B 81 4.14 -11.54 8.57
N PRO B 82 4.54 -11.69 9.84
CA PRO B 82 3.92 -12.74 10.67
C PRO B 82 2.41 -12.65 10.75
N LYS B 83 1.86 -11.43 10.66
CA LYS B 83 0.40 -11.26 10.71
C LYS B 83 -0.32 -11.94 9.55
N ASP B 84 0.39 -12.33 8.49
CA ASP B 84 -0.20 -13.03 7.36
C ASP B 84 -0.49 -14.48 7.68
N ARG B 85 0.14 -15.00 8.74
CA ARG B 85 -0.04 -16.37 9.21
C ARG B 85 0.40 -17.36 8.16
N LEU B 86 1.47 -17.02 7.46
CA LEU B 86 2.06 -17.96 6.51
C LEU B 86 3.12 -18.83 7.17
N THR B 87 3.54 -18.49 8.39
CA THR B 87 4.71 -19.15 8.95
C THR B 87 4.54 -20.67 9.06
N PRO B 88 3.40 -21.21 9.44
CA PRO B 88 3.32 -22.68 9.54
C PRO B 88 3.54 -23.33 8.19
N LEU B 89 2.99 -22.73 7.13
CA LEU B 89 3.19 -23.23 5.78
C LEU B 89 4.65 -23.12 5.36
N LEU B 90 5.28 -21.98 5.63
CA LEU B 90 6.69 -21.80 5.26
C LEU B 90 7.60 -22.81 5.95
N GLU B 91 7.33 -23.14 7.23
CA GLU B 91 8.19 -24.03 8.02
C GLU B 91 7.73 -25.49 7.96
N ALA B 92 6.80 -25.82 7.08
CA ALA B 92 6.29 -27.17 6.99
C ALA B 92 7.30 -28.08 6.29
N PRO B 93 7.42 -29.32 6.73
CA PRO B 93 8.33 -30.24 6.03
C PRO B 93 8.08 -30.34 4.53
N ASP B 94 6.83 -30.21 4.06
CA ASP B 94 6.53 -30.33 2.63
C ASP B 94 6.40 -28.98 1.95
N ALA B 95 6.88 -27.90 2.59
CA ALA B 95 6.75 -26.57 2.01
C ALA B 95 7.27 -26.53 0.57
N ASP B 96 8.45 -27.13 0.33
CA ASP B 96 8.98 -27.20 -1.03
C ASP B 96 8.03 -27.90 -1.97
N GLU B 97 7.48 -29.05 -1.55
CA GLU B 97 6.56 -29.78 -2.42
C GLU B 97 5.36 -28.92 -2.76
N LEU B 98 4.81 -28.24 -1.76
CA LEU B 98 3.59 -27.45 -1.95
C LEU B 98 3.82 -26.23 -2.83
N LEU B 99 4.90 -25.47 -2.58
CA LEU B 99 5.07 -24.20 -3.28
C LEU B 99 5.57 -24.40 -4.70
N ASN B 100 6.40 -25.42 -4.94
CA ASN B 100 6.77 -25.76 -6.31
C ASN B 100 5.55 -26.14 -7.14
N TRP B 101 4.62 -26.91 -6.55
CA TRP B 101 3.33 -27.15 -7.20
C TRP B 101 2.58 -25.83 -7.44
N LEU B 102 2.44 -25.01 -6.40
CA LEU B 102 1.63 -23.80 -6.52
C LEU B 102 2.16 -22.87 -7.62
N ARG B 103 3.48 -22.75 -7.75
CA ARG B 103 4.00 -21.85 -8.79
C ARG B 103 3.83 -22.42 -10.19
N ARG B 104 3.39 -23.65 -10.32
CA ARG B 104 3.11 -24.17 -11.64
C ARG B 104 1.65 -23.99 -12.05
N GLN B 105 0.80 -23.32 -11.19
CA GLN B 105 -0.62 -23.26 -11.48
C GLN B 105 -0.91 -22.06 -12.37
N PRO B 106 -1.99 -22.10 -13.16
CA PRO B 106 -2.19 -21.07 -14.20
C PRO B 106 -2.65 -19.74 -13.62
N LEU B 107 -2.55 -18.72 -14.44
CA LEU B 107 -3.19 -17.42 -14.15
C LEU B 107 -4.60 -17.33 -14.71
N LEU B 108 -4.92 -18.20 -15.67
CA LEU B 108 -6.15 -18.05 -16.42
C LEU B 108 -6.74 -19.44 -16.66
N GLN B 109 -8.02 -19.58 -16.40
CA GLN B 109 -8.75 -20.81 -16.69
C GLN B 109 -9.85 -20.49 -17.70
N ILE B 110 -9.88 -21.24 -18.81
CA ILE B 110 -10.91 -21.05 -19.83
C ILE B 110 -11.58 -22.39 -20.09
N ASP B 111 -12.91 -22.40 -20.08
CA ASP B 111 -13.71 -23.57 -20.45
C ASP B 111 -14.64 -23.17 -21.60
N GLU B 112 -14.36 -23.69 -22.80
CA GLU B 112 -15.15 -23.33 -23.97
C GLU B 112 -16.59 -23.83 -23.90
N GLU B 113 -16.81 -25.08 -23.49
CA GLU B 113 -18.16 -25.65 -23.44
C GLU B 113 -19.09 -24.88 -22.52
N LYS B 114 -18.56 -24.23 -21.48
CA LYS B 114 -19.35 -23.40 -20.58
C LYS B 114 -19.23 -21.93 -20.91
N LYS B 115 -18.38 -21.58 -21.88
CA LYS B 115 -18.07 -20.19 -22.19
C LYS B 115 -17.73 -19.45 -20.89
N LEU B 116 -16.86 -20.08 -20.10
CA LEU B 116 -16.44 -19.58 -18.80
C LEU B 116 -14.94 -19.28 -18.77
N VAL B 117 -14.61 -18.07 -18.35
CA VAL B 117 -13.24 -17.61 -18.15
C VAL B 117 -13.07 -17.31 -16.67
N MET B 118 -11.94 -17.71 -16.09
CA MET B 118 -11.66 -17.37 -14.70
C MET B 118 -10.27 -16.75 -14.58
N ALA B 119 -10.16 -15.64 -13.85
CA ALA B 119 -8.86 -15.11 -13.43
C ALA B 119 -9.07 -14.41 -12.10
N HIS B 120 -7.99 -14.26 -11.33
CA HIS B 120 -8.18 -13.81 -9.95
C HIS B 120 -8.87 -12.45 -9.88
N ALA B 121 -8.36 -11.47 -10.63
CA ALA B 121 -8.88 -10.10 -10.57
C ALA B 121 -9.84 -9.78 -11.69
N GLY B 122 -9.84 -10.56 -12.77
CA GLY B 122 -10.75 -10.33 -13.88
C GLY B 122 -9.95 -10.27 -15.16
N ILE B 123 -10.62 -9.85 -16.25
CA ILE B 123 -9.98 -9.64 -17.56
C ILE B 123 -10.06 -8.16 -17.86
N THR B 124 -8.89 -7.50 -17.95
CA THR B 124 -8.88 -6.08 -18.29
C THR B 124 -9.61 -5.88 -19.61
N PRO B 125 -10.55 -4.93 -19.69
CA PRO B 125 -11.18 -4.62 -20.98
C PRO B 125 -10.19 -4.25 -22.08
N GLN B 126 -8.92 -3.95 -21.75
CA GLN B 126 -7.94 -3.74 -22.80
C GLN B 126 -7.53 -5.03 -23.51
N TRP B 127 -7.96 -6.20 -23.05
CA TRP B 127 -7.49 -7.46 -23.58
C TRP B 127 -8.60 -8.23 -24.27
N ASP B 128 -8.29 -8.78 -25.43
CA ASP B 128 -9.13 -9.82 -26.02
C ASP B 128 -8.63 -11.20 -25.57
N LEU B 129 -9.42 -12.22 -25.88
CA LEU B 129 -9.14 -13.52 -25.32
C LEU B 129 -7.77 -14.00 -25.75
N GLN B 130 -7.43 -13.77 -27.01
CA GLN B 130 -6.15 -14.26 -27.53
C GLN B 130 -4.97 -13.59 -26.84
N THR B 131 -5.10 -12.31 -26.53
CA THR B 131 -4.07 -11.59 -25.80
C THR B 131 -3.99 -12.07 -24.34
N ALA B 132 -5.15 -12.16 -23.67
CA ALA B 132 -5.16 -12.65 -22.29
C ALA B 132 -4.48 -14.01 -22.20
N LYS B 133 -4.79 -14.90 -23.15
CA LYS B 133 -4.19 -16.23 -23.16
C LYS B 133 -2.69 -16.14 -23.31
N GLU B 134 -2.23 -15.44 -24.34
CA GLU B 134 -0.80 -15.35 -24.55
C GLU B 134 -0.10 -14.77 -23.33
N CYS B 135 -0.73 -13.78 -22.70
CA CYS B 135 -0.18 -13.15 -21.52
C CYS B 135 -0.14 -14.09 -20.33
N ALA B 136 -1.17 -14.91 -20.13
CA ALA B 136 -1.11 -15.91 -19.06
C ALA B 136 -0.02 -16.93 -19.35
N ARG B 137 0.05 -17.40 -20.59
CA ARG B 137 1.03 -18.43 -20.92
C ARG B 137 2.44 -17.91 -20.66
N ASP B 138 2.68 -16.62 -20.92
CA ASP B 138 4.01 -16.08 -20.74
C ASP B 138 4.37 -15.99 -19.26
N VAL B 139 3.50 -15.37 -18.45
CA VAL B 139 3.85 -15.26 -17.04
C VAL B 139 3.93 -16.65 -16.43
N GLU B 140 3.09 -17.58 -16.91
CA GLU B 140 3.09 -18.90 -16.29
C GLU B 140 4.41 -19.61 -16.58
N ALA B 141 4.98 -19.37 -17.77
CA ALA B 141 6.27 -19.96 -18.14
C ALA B 141 7.38 -19.50 -17.20
N VAL B 142 7.43 -18.21 -16.88
CA VAL B 142 8.47 -17.73 -15.98
C VAL B 142 8.25 -18.23 -14.55
N LEU B 143 6.99 -18.33 -14.11
CA LEU B 143 6.73 -18.89 -12.79
C LEU B 143 7.08 -20.37 -12.71
N SER B 144 6.81 -21.12 -13.79
CA SER B 144 7.16 -22.54 -13.84
C SER B 144 8.66 -22.79 -14.01
N SER B 145 9.44 -21.75 -14.25
CA SER B 145 10.83 -21.91 -14.62
C SER B 145 11.75 -21.90 -13.40
N ASP B 146 12.95 -22.44 -13.60
CA ASP B 146 13.93 -22.46 -12.53
C ASP B 146 14.35 -21.04 -12.11
N SER B 147 14.01 -20.04 -12.91
CA SER B 147 14.43 -18.65 -12.68
C SER B 147 13.32 -17.80 -12.04
N TYR B 148 12.32 -18.45 -11.44
CA TYR B 148 11.15 -17.73 -10.93
C TYR B 148 11.46 -16.70 -9.83
N PRO B 149 12.48 -16.85 -8.98
CA PRO B 149 12.72 -15.78 -7.99
C PRO B 149 13.07 -14.46 -8.66
N PHE B 150 13.69 -14.49 -9.82
N PHE B 150 13.76 -14.53 -9.79
CA PHE B 150 14.02 -13.25 -10.50
CA PHE B 150 14.06 -13.35 -10.58
C PHE B 150 12.76 -12.60 -11.09
C PHE B 150 12.79 -12.65 -11.05
N PHE B 151 11.83 -13.42 -11.56
CA PHE B 151 10.55 -12.90 -12.06
CA PHE B 151 10.61 -12.82 -12.07
C PHE B 151 9.73 -12.31 -10.92
N LEU B 152 9.68 -13.02 -9.80
CA LEU B 152 8.89 -12.55 -8.68
C LEU B 152 9.41 -11.20 -8.22
N ASP B 153 10.74 -11.06 -8.18
CA ASP B 153 11.32 -9.77 -7.83
C ASP B 153 10.95 -8.72 -8.86
N ALA B 154 10.97 -9.10 -10.14
CA ALA B 154 10.70 -8.18 -11.24
C ALA B 154 9.22 -7.85 -11.40
N MET B 155 8.30 -8.67 -10.86
CA MET B 155 6.87 -8.42 -11.01
CA MET B 155 6.88 -8.39 -11.06
C MET B 155 6.41 -7.19 -10.25
N TYR B 156 7.12 -6.83 -9.17
CA TYR B 156 6.70 -5.73 -8.32
C TYR B 156 6.78 -4.41 -9.09
N GLY B 157 5.68 -3.66 -9.11
CA GLY B 157 5.61 -2.35 -9.74
C GLY B 157 4.17 -1.97 -10.03
N ASP B 158 3.87 -0.68 -10.14
CA ASP B 158 2.52 -0.27 -10.51
C ASP B 158 2.40 0.25 -11.93
N MET B 159 3.51 0.39 -12.66
CA MET B 159 3.46 0.84 -14.04
C MET B 159 4.23 -0.12 -14.92
N PRO B 160 3.94 -0.14 -16.24
CA PRO B 160 3.01 0.75 -16.96
C PRO B 160 1.58 0.41 -16.63
N ASN B 161 0.62 1.32 -16.76
CA ASN B 161 -0.77 0.98 -16.47
C ASN B 161 -1.63 1.00 -17.72
N ASN B 162 -1.04 0.87 -18.89
CA ASN B 162 -1.78 0.91 -20.15
C ASN B 162 -1.26 -0.21 -21.02
N TRP B 163 -2.17 -1.08 -21.50
CA TRP B 163 -1.73 -2.18 -22.34
C TRP B 163 -1.36 -1.70 -23.74
N SER B 164 -0.34 -2.33 -24.31
CA SER B 164 -0.06 -2.19 -25.73
C SER B 164 0.64 -3.46 -26.19
N PRO B 165 0.30 -3.98 -27.37
CA PRO B 165 1.09 -5.10 -27.92
C PRO B 165 2.58 -4.80 -28.06
N GLU B 166 2.99 -3.52 -27.94
CA GLU B 166 4.39 -3.10 -28.08
C GLU B 166 5.15 -3.14 -26.76
N LEU B 167 4.47 -3.37 -25.63
CA LEU B 167 5.17 -3.48 -24.36
C LEU B 167 6.18 -4.62 -24.44
N ARG B 168 7.38 -4.38 -23.90
CA ARG B 168 8.45 -5.36 -23.90
C ARG B 168 9.05 -5.43 -22.51
N GLY B 169 9.68 -6.56 -22.19
CA GLY B 169 10.51 -6.60 -21.00
C GLY B 169 9.74 -6.42 -19.72
N LEU B 170 10.37 -5.74 -18.75
CA LEU B 170 9.82 -5.67 -17.39
C LEU B 170 8.42 -5.02 -17.35
N GLY B 171 8.18 -4.00 -18.17
CA GLY B 171 6.89 -3.33 -18.09
C GLY B 171 5.77 -4.21 -18.59
N ARG B 172 6.03 -4.96 -19.66
CA ARG B 172 5.08 -5.96 -20.14
C ARG B 172 4.71 -6.93 -19.03
N LEU B 173 5.70 -7.47 -18.36
CA LEU B 173 5.47 -8.49 -17.37
C LEU B 173 4.75 -7.93 -16.15
N ARG B 174 5.07 -6.70 -15.75
CA ARG B 174 4.39 -6.11 -14.59
C ARG B 174 2.92 -5.79 -14.91
N PHE B 175 2.65 -5.33 -16.12
CA PHE B 175 1.26 -5.05 -16.47
C PHE B 175 0.43 -6.32 -16.45
N ILE B 176 0.91 -7.37 -17.14
CA ILE B 176 0.24 -8.66 -17.13
C ILE B 176 -0.06 -9.10 -15.69
N THR B 177 0.95 -9.05 -14.83
CA THR B 177 0.77 -9.52 -13.46
C THR B 177 -0.30 -8.69 -12.76
N ASN B 178 -0.21 -7.35 -12.89
CA ASN B 178 -1.19 -6.48 -12.25
C ASN B 178 -2.58 -6.66 -12.84
N ALA B 179 -2.65 -6.94 -14.13
CA ALA B 179 -3.96 -7.08 -14.78
C ALA B 179 -4.68 -8.32 -14.28
N PHE B 180 -3.93 -9.41 -14.02
CA PHE B 180 -4.58 -10.66 -13.60
C PHE B 180 -4.85 -10.72 -12.10
N THR B 181 -4.03 -10.08 -11.28
CA THR B 181 -4.04 -10.34 -9.85
C THR B 181 -4.32 -9.13 -8.98
N ARG B 182 -4.28 -7.92 -9.52
CA ARG B 182 -4.46 -6.72 -8.71
C ARG B 182 -5.57 -5.80 -9.20
N MET B 183 -6.06 -5.98 -10.41
CA MET B 183 -6.94 -5.02 -11.03
C MET B 183 -8.26 -4.94 -10.26
N ARG B 184 -8.76 -3.71 -10.11
CA ARG B 184 -10.12 -3.38 -9.68
C ARG B 184 -10.61 -2.27 -10.58
N PHE B 185 -10.18 -1.05 -10.29
CA PHE B 185 -10.68 0.14 -10.97
C PHE B 185 -9.94 0.43 -12.26
N CYS B 186 -10.69 1.01 -13.22
CA CYS B 186 -10.11 1.51 -14.45
C CYS B 186 -10.46 2.98 -14.64
N PHE B 187 -9.57 3.68 -15.35
CA PHE B 187 -9.93 4.95 -15.92
C PHE B 187 -10.83 4.72 -17.13
N PRO B 188 -11.69 5.70 -17.48
CA PRO B 188 -12.62 5.50 -18.61
C PRO B 188 -11.95 4.89 -19.84
N ASN B 189 -10.71 5.28 -20.14
CA ASN B 189 -10.01 4.76 -21.31
C ASN B 189 -9.50 3.33 -21.14
N GLY B 190 -9.71 2.72 -19.98
CA GLY B 190 -9.29 1.35 -19.76
C GLY B 190 -8.00 1.16 -18.98
N GLN B 191 -7.19 2.21 -18.78
CA GLN B 191 -5.94 2.08 -18.03
C GLN B 191 -6.22 1.70 -16.58
N LEU B 192 -5.28 0.95 -15.98
CA LEU B 192 -5.47 0.43 -14.62
C LEU B 192 -5.20 1.51 -13.58
N ASP B 193 -6.01 1.53 -12.51
CA ASP B 193 -5.65 2.24 -11.30
C ASP B 193 -5.23 1.21 -10.27
N MET B 194 -4.04 1.37 -9.71
CA MET B 194 -3.47 0.35 -8.84
C MET B 194 -3.60 0.68 -7.36
N TYR B 195 -4.32 1.75 -7.00
CA TYR B 195 -4.32 2.22 -5.62
C TYR B 195 -5.66 2.15 -4.89
N SER B 196 -6.79 2.31 -5.58
CA SER B 196 -8.08 2.35 -4.91
C SER B 196 -8.67 0.95 -4.74
N LYS B 197 -8.99 0.59 -3.51
CA LYS B 197 -9.52 -0.72 -3.19
C LYS B 197 -10.93 -0.67 -2.62
N GLU B 198 -11.56 0.50 -2.59
CA GLU B 198 -12.86 0.61 -1.93
C GLU B 198 -13.98 0.12 -2.85
N SER B 199 -15.22 0.17 -2.36
CA SER B 199 -16.35 -0.19 -3.22
C SER B 199 -16.54 0.86 -4.31
N PRO B 200 -17.20 0.48 -5.42
CA PRO B 200 -17.39 1.45 -6.52
C PRO B 200 -18.10 2.74 -6.13
N GLU B 201 -19.05 2.69 -5.18
CA GLU B 201 -19.78 3.90 -4.80
C GLU B 201 -18.88 4.90 -4.09
N GLU B 202 -17.88 4.43 -3.35
CA GLU B 202 -17.03 5.29 -2.54
C GLU B 202 -15.74 5.67 -3.25
N ALA B 203 -15.50 5.17 -4.46
CA ALA B 203 -14.25 5.40 -5.15
C ALA B 203 -14.18 6.83 -5.71
N PRO B 204 -13.00 7.41 -5.78
CA PRO B 204 -12.88 8.76 -6.35
C PRO B 204 -13.09 8.76 -7.86
N ALA B 205 -13.73 9.82 -8.36
CA ALA B 205 -13.81 10.02 -9.79
C ALA B 205 -12.42 10.14 -10.39
N PRO B 206 -12.25 9.75 -11.66
CA PRO B 206 -13.24 9.20 -12.61
C PRO B 206 -13.26 7.68 -12.65
N LEU B 207 -12.85 7.04 -11.55
CA LEU B 207 -12.57 5.62 -11.57
C LEU B 207 -13.85 4.81 -11.60
N LYS B 208 -13.83 3.72 -12.36
CA LYS B 208 -14.97 2.80 -12.46
C LYS B 208 -14.47 1.35 -12.50
N PRO B 209 -15.29 0.40 -12.01
CA PRO B 209 -14.89 -1.01 -12.02
C PRO B 209 -14.49 -1.49 -13.41
N TRP B 210 -13.51 -2.40 -13.46
CA TRP B 210 -13.07 -2.91 -14.76
C TRP B 210 -14.22 -3.51 -15.55
N PHE B 211 -15.15 -4.19 -14.86
CA PHE B 211 -16.23 -4.85 -15.57
C PHE B 211 -17.27 -3.86 -16.09
N ALA B 212 -17.17 -2.58 -15.76
CA ALA B 212 -18.10 -1.57 -16.23
C ALA B 212 -17.62 -0.91 -17.52
N ILE B 213 -16.43 -1.26 -18.00
CA ILE B 213 -15.95 -0.81 -19.29
C ILE B 213 -16.14 -1.96 -20.29
N PRO B 214 -17.05 -1.84 -21.25
CA PRO B 214 -17.27 -2.94 -22.19
C PRO B 214 -15.96 -3.42 -22.81
N GLY B 215 -15.73 -4.73 -22.74
CA GLY B 215 -14.55 -5.35 -23.29
C GLY B 215 -14.88 -6.58 -24.11
N PRO B 216 -13.93 -7.02 -24.94
CA PRO B 216 -14.26 -8.09 -25.89
C PRO B 216 -14.42 -9.45 -25.26
N VAL B 217 -13.70 -9.76 -24.17
CA VAL B 217 -13.87 -11.07 -23.56
C VAL B 217 -15.28 -11.21 -23.00
N ALA B 218 -15.80 -10.15 -22.36
CA ALA B 218 -17.10 -10.23 -21.69
C ALA B 218 -18.26 -10.22 -22.66
N GLU B 219 -18.05 -9.82 -23.91
CA GLU B 219 -19.15 -9.90 -24.85
C GLU B 219 -19.36 -11.32 -25.34
N GLU B 220 -18.39 -12.22 -25.09
CA GLU B 220 -18.53 -13.61 -25.51
C GLU B 220 -18.45 -14.63 -24.38
N TYR B 221 -17.94 -14.26 -23.22
CA TYR B 221 -17.72 -15.19 -22.12
C TYR B 221 -18.25 -14.63 -20.83
N SER B 222 -18.81 -15.51 -20.03
CA SER B 222 -18.96 -15.26 -18.61
C SER B 222 -17.57 -15.13 -18.03
N ILE B 223 -17.41 -14.25 -17.04
CA ILE B 223 -16.15 -14.16 -16.32
C ILE B 223 -16.40 -14.31 -14.83
N ALA B 224 -15.67 -15.23 -14.21
CA ALA B 224 -15.68 -15.43 -12.78
C ALA B 224 -14.34 -14.98 -12.19
N PHE B 225 -14.37 -14.27 -11.06
CA PHE B 225 -13.16 -13.70 -10.49
C PHE B 225 -13.41 -13.54 -8.99
N GLY B 226 -12.33 -13.32 -8.25
CA GLY B 226 -12.43 -13.08 -6.82
C GLY B 226 -11.86 -11.74 -6.42
N HIS B 227 -10.88 -11.75 -5.50
CA HIS B 227 -9.97 -10.62 -5.29
C HIS B 227 -10.58 -9.39 -4.63
N TRP B 228 -11.66 -8.86 -5.23
CA TRP B 228 -12.19 -7.55 -4.87
C TRP B 228 -13.23 -7.69 -3.77
N ALA B 229 -12.73 -7.77 -2.53
CA ALA B 229 -13.60 -8.11 -1.40
C ALA B 229 -14.60 -6.98 -1.10
N SER B 230 -14.16 -5.71 -1.23
CA SER B 230 -15.05 -4.59 -0.89
C SER B 230 -16.22 -4.48 -1.85
N LEU B 231 -16.14 -5.16 -3.01
CA LEU B 231 -17.29 -5.30 -3.88
C LEU B 231 -18.37 -6.18 -3.24
N GLU B 232 -17.99 -7.08 -2.32
CA GLU B 232 -18.92 -7.96 -1.62
C GLU B 232 -19.75 -8.81 -2.59
N GLY B 233 -19.22 -9.02 -3.80
CA GLY B 233 -19.93 -9.82 -4.78
C GLY B 233 -21.12 -9.13 -5.43
N LYS B 234 -21.35 -7.85 -5.15
CA LYS B 234 -22.57 -7.20 -5.63
C LYS B 234 -22.23 -6.13 -6.68
N GLY B 235 -23.27 -5.70 -7.38
CA GLY B 235 -23.11 -4.66 -8.35
C GLY B 235 -22.57 -5.10 -9.69
N THR B 236 -22.58 -6.47 -10.00
CA THR B 236 -21.94 -6.74 -11.28
C THR B 236 -22.97 -6.92 -12.38
N PRO B 237 -22.55 -6.71 -13.63
CA PRO B 237 -23.44 -6.93 -14.76
C PRO B 237 -23.70 -8.42 -14.98
N GLU B 238 -24.70 -8.69 -15.81
CA GLU B 238 -25.02 -10.07 -16.15
C GLU B 238 -23.84 -10.74 -16.85
N GLY B 239 -23.54 -11.97 -16.46
CA GLY B 239 -22.38 -12.67 -16.97
C GLY B 239 -21.06 -12.39 -16.26
N ILE B 240 -21.05 -11.52 -15.26
CA ILE B 240 -19.88 -11.22 -14.44
C ILE B 240 -20.17 -11.69 -13.03
N TYR B 241 -19.29 -12.54 -12.49
CA TYR B 241 -19.55 -13.23 -11.22
C TYR B 241 -18.43 -12.93 -10.25
N ALA B 242 -18.73 -12.10 -9.24
CA ALA B 242 -17.77 -11.64 -8.25
C ALA B 242 -17.92 -12.54 -7.04
N LEU B 243 -16.97 -13.48 -6.88
CA LEU B 243 -17.13 -14.55 -5.92
C LEU B 243 -16.45 -14.30 -4.59
N ASP B 244 -15.62 -13.26 -4.47
CA ASP B 244 -14.98 -12.94 -3.20
C ASP B 244 -15.93 -12.16 -2.31
N THR B 245 -16.46 -12.83 -1.28
CA THR B 245 -17.35 -12.23 -0.30
C THR B 245 -16.69 -12.12 1.07
N GLY B 246 -15.37 -12.18 1.13
CA GLY B 246 -14.66 -11.74 2.30
C GLY B 246 -14.63 -12.69 3.47
N CYS B 247 -14.52 -14.00 3.22
CA CYS B 247 -14.47 -14.96 4.32
C CYS B 247 -13.46 -14.55 5.38
N CYS B 248 -12.20 -14.35 4.98
CA CYS B 248 -11.14 -14.06 5.97
C CYS B 248 -11.41 -12.78 6.76
N TRP B 249 -12.17 -11.84 6.20
CA TRP B 249 -12.49 -10.57 6.83
C TRP B 249 -13.74 -10.64 7.70
N GLY B 250 -14.24 -11.83 8.00
CA GLY B 250 -15.50 -11.92 8.71
C GLY B 250 -16.72 -11.87 7.82
N GLY B 251 -16.56 -12.08 6.51
CA GLY B 251 -17.68 -12.16 5.60
C GLY B 251 -18.15 -13.60 5.44
N THR B 252 -18.31 -14.08 4.20
CA THR B 252 -18.73 -15.45 3.96
C THR B 252 -17.87 -16.04 2.83
N LEU B 253 -17.90 -17.37 2.73
CA LEU B 253 -17.24 -18.08 1.64
C LEU B 253 -18.32 -18.52 0.65
N THR B 254 -18.19 -18.09 -0.60
CA THR B 254 -19.27 -18.24 -1.57
C THR B 254 -18.93 -19.30 -2.58
N CYS B 255 -19.86 -20.21 -2.80
CA CYS B 255 -19.73 -21.26 -3.79
C CYS B 255 -20.88 -21.08 -4.78
N LEU B 256 -20.57 -21.13 -6.07
CA LEU B 256 -21.54 -21.01 -7.14
C LEU B 256 -21.49 -22.30 -7.94
N ARG B 257 -22.60 -23.04 -7.96
CA ARG B 257 -22.66 -24.21 -8.81
C ARG B 257 -23.04 -23.78 -10.22
N TRP B 258 -22.25 -24.18 -11.21
CA TRP B 258 -22.36 -23.59 -12.54
C TRP B 258 -23.61 -24.06 -13.28
N GLU B 259 -23.96 -25.33 -13.12
CA GLU B 259 -25.05 -25.91 -13.91
C GLU B 259 -26.35 -25.13 -13.73
N ASP B 260 -26.69 -24.81 -12.49
CA ASP B 260 -27.94 -24.12 -12.22
C ASP B 260 -27.73 -22.74 -11.62
N LYS B 261 -26.52 -22.19 -11.73
CA LYS B 261 -26.21 -20.91 -11.12
C LYS B 261 -26.76 -20.76 -9.71
N GLN B 262 -26.61 -21.78 -8.86
CA GLN B 262 -27.08 -21.70 -7.48
C GLN B 262 -25.93 -21.37 -6.54
N TYR B 263 -26.19 -20.45 -5.62
CA TYR B 263 -25.23 -20.02 -4.63
C TYR B 263 -25.37 -20.80 -3.33
N PHE B 264 -24.22 -21.11 -2.72
CA PHE B 264 -24.10 -21.63 -1.37
C PHE B 264 -23.11 -20.78 -0.59
N VAL B 265 -23.46 -20.46 0.65
CA VAL B 265 -22.66 -19.58 1.51
C VAL B 265 -22.32 -20.31 2.80
N GLN B 266 -21.08 -20.18 3.22
CA GLN B 266 -20.60 -20.61 4.52
C GLN B 266 -20.25 -19.37 5.33
N PRO B 267 -20.85 -19.15 6.51
CA PRO B 267 -20.45 -17.99 7.31
C PRO B 267 -19.02 -18.15 7.83
N SER B 268 -18.34 -17.01 7.98
CA SER B 268 -16.99 -17.01 8.49
C SER B 268 -16.96 -17.46 9.96
N ASN B 269 -15.88 -18.13 10.35
CA ASN B 269 -15.72 -18.66 11.70
C ASN B 269 -15.22 -17.63 12.70
N ARG B 270 -14.55 -16.59 12.24
CA ARG B 270 -14.04 -15.54 13.11
C ARG B 270 -15.17 -14.79 13.83
#